data_7FAU
#
_entry.id   7FAU
#
_cell.length_a   62.512
_cell.length_b   88.835
_cell.length_c   190.112
_cell.angle_alpha   90.000
_cell.angle_beta   90.000
_cell.angle_gamma   90.000
#
_symmetry.space_group_name_H-M   'P 21 2 21'
#
loop_
_entity.id
_entity.type
_entity.pdbx_description
1 polymer 'Spike protein S1'
2 polymer NB_1B11
3 non-polymer 'ZINC ION'
4 water water
#
loop_
_entity_poly.entity_id
_entity_poly.type
_entity_poly.pdbx_seq_one_letter_code
_entity_poly.pdbx_strand_id
1 'polypeptide(L)'
;MFVFLVLLPLVSSQCTNLCPFGEVFNATRFASVYAWNRKRISNCVADYSVLYNSASFSTFKCYGVSPTKLNDLCFTNVYA
DSFVIRGDEVRQIAPGQTGKIADYNYKLPDDFTGCVIAWNSNNLDSKVGGNYNYLYRLFRKSNLKPFERDISTEIYQAGS
TPCNGVEGFNCYFPLQSYGFQPTNGVGYQPYRVVVLSFELLHAPATSRAAADYKDDDDK
;
A,C
2 'polypeptide(L)'
;QVQLQESGGGSVQAGGSLRLSCAASGYTVSVGCMAWFRQAPGKEREGVAGIDASGITKYSDSVKGRFTISKDNAKNALDL
QMNGLKPEDTAMYHCAAGLVRGSCTDVLDHPSYLGVWGQGTQVTVSS
;
B,D
#
loop_
_chem_comp.id
_chem_comp.type
_chem_comp.name
_chem_comp.formula
ZN non-polymer 'ZINC ION' 'Zn 2'
#
# COMPACT_ATOMS: atom_id res chain seq x y z
N LEU A 18 25.22 -12.95 17.92
CA LEU A 18 25.92 -12.24 18.99
C LEU A 18 26.20 -10.80 18.61
N CYS A 19 26.24 -10.53 17.30
CA CYS A 19 26.56 -9.21 16.80
C CYS A 19 25.49 -8.20 17.21
N PRO A 20 25.89 -7.00 17.69
CA PRO A 20 24.97 -5.95 18.17
C PRO A 20 24.35 -5.09 17.07
N PHE A 21 23.44 -5.70 16.31
CA PHE A 21 22.74 -5.02 15.23
C PHE A 21 21.75 -3.96 15.70
N GLY A 22 21.36 -3.98 16.97
CA GLY A 22 20.32 -3.08 17.45
C GLY A 22 20.60 -1.62 17.18
N GLU A 23 21.86 -1.20 17.32
CA GLU A 23 22.20 0.19 17.01
C GLU A 23 21.87 0.56 15.57
N VAL A 24 21.98 -0.40 14.66
CA VAL A 24 21.74 -0.13 13.24
C VAL A 24 20.25 -0.09 12.95
N PHE A 25 19.52 -1.13 13.32
CA PHE A 25 18.11 -1.23 12.92
C PHE A 25 17.26 -0.18 13.64
N ASN A 26 17.60 0.15 14.88
CA ASN A 26 16.81 1.06 15.68
C ASN A 26 17.40 2.46 15.75
N ALA A 27 18.36 2.79 14.88
CA ALA A 27 18.91 4.14 14.85
C ALA A 27 17.81 5.17 14.64
N THR A 28 17.94 6.31 15.34
CA THR A 28 16.90 7.34 15.29
C THR A 28 16.80 7.96 13.91
N ARG A 29 17.94 8.20 13.26
CA ARG A 29 18.00 8.85 11.96
C ARG A 29 18.71 7.95 10.97
N PHE A 30 18.22 7.92 9.74
CA PHE A 30 18.84 7.13 8.69
C PHE A 30 19.48 8.01 7.64
N ALA A 31 20.43 7.44 6.91
CA ALA A 31 21.16 8.17 5.88
C ALA A 31 20.37 8.23 4.59
N SER A 32 20.63 9.27 3.80
CA SER A 32 20.23 9.27 2.41
C SER A 32 20.95 8.14 1.68
N VAL A 33 20.29 7.58 0.66
CA VAL A 33 20.83 6.40 -0.01
C VAL A 33 22.15 6.73 -0.72
N TYR A 34 22.28 7.94 -1.28
CA TYR A 34 23.54 8.30 -1.95
C TYR A 34 24.70 8.40 -0.96
N ALA A 35 24.42 8.80 0.28
CA ALA A 35 25.42 8.86 1.32
C ALA A 35 25.19 7.74 2.33
N TRP A 36 24.97 6.53 1.83
CA TRP A 36 24.55 5.43 2.69
C TRP A 36 25.56 5.19 3.81
N ASN A 37 25.04 4.87 4.99
CA ASN A 37 25.86 4.63 6.16
C ASN A 37 26.39 3.20 6.17
N ARG A 38 27.60 3.03 6.69
CA ARG A 38 28.17 1.70 6.89
C ARG A 38 28.67 1.59 8.33
N LYS A 39 28.32 0.50 8.99
CA LYS A 39 28.82 0.18 10.32
C LYS A 39 29.48 -1.19 10.27
N ARG A 40 30.69 -1.27 10.83
CA ARG A 40 31.45 -2.50 10.87
C ARG A 40 31.26 -3.18 12.23
N ILE A 41 30.85 -4.44 12.22
CA ILE A 41 30.64 -5.22 13.43
C ILE A 41 31.62 -6.39 13.40
N SER A 42 32.28 -6.64 14.52
CA SER A 42 33.22 -7.75 14.60
C SER A 42 33.39 -8.21 16.04
N TYR A 48 20.33 -13.45 15.19
CA TYR A 48 19.80 -13.71 13.86
C TYR A 48 18.36 -14.19 13.97
N SER A 49 18.01 -14.74 15.13
CA SER A 49 16.64 -15.17 15.37
C SER A 49 15.73 -13.96 15.63
N VAL A 50 16.28 -12.85 16.12
CA VAL A 50 15.43 -11.70 16.39
C VAL A 50 15.01 -11.03 15.09
N LEU A 51 15.76 -11.23 14.00
CA LEU A 51 15.39 -10.63 12.72
C LEU A 51 14.16 -11.28 12.11
N TYR A 52 14.03 -12.60 12.22
CA TYR A 52 12.87 -13.27 11.63
C TYR A 52 11.58 -12.95 12.38
N ASN A 53 11.64 -12.93 13.71
CA ASN A 53 10.45 -12.69 14.52
C ASN A 53 9.94 -11.27 14.45
N SER A 54 10.69 -10.35 13.86
CA SER A 54 10.19 -8.99 13.71
C SER A 54 9.09 -8.97 12.67
N ALA A 55 7.90 -8.51 13.07
CA ALA A 55 6.78 -8.40 12.16
C ALA A 55 6.82 -7.11 11.36
N SER A 56 7.74 -6.20 11.67
CA SER A 56 7.79 -4.93 10.95
C SER A 56 8.53 -5.08 9.63
N PHE A 57 9.50 -6.00 9.56
CA PHE A 57 10.23 -6.22 8.31
C PHE A 57 9.28 -6.66 7.23
N SER A 58 9.23 -5.93 6.12
CA SER A 58 8.44 -6.32 4.96
C SER A 58 9.25 -7.00 3.87
N THR A 59 10.58 -6.85 3.87
CA THR A 59 11.46 -7.53 2.94
C THR A 59 12.55 -8.21 3.76
N PHE A 60 12.84 -9.47 3.45
CA PHE A 60 13.91 -10.19 4.12
C PHE A 60 14.42 -11.27 3.16
N LYS A 61 15.53 -10.98 2.49
CA LYS A 61 16.08 -11.83 1.45
C LYS A 61 17.57 -12.00 1.70
N CYS A 62 18.02 -13.24 1.86
CA CYS A 62 19.43 -13.53 2.08
C CYS A 62 20.01 -14.22 0.84
N TYR A 63 21.30 -14.02 0.63
CA TYR A 63 21.98 -14.46 -0.59
C TYR A 63 23.31 -15.13 -0.25
N GLY A 64 23.58 -16.25 -0.90
CA GLY A 64 24.86 -16.91 -0.75
C GLY A 64 25.11 -17.55 0.60
N VAL A 65 24.13 -17.51 1.49
CA VAL A 65 24.25 -18.07 2.83
C VAL A 65 22.94 -18.80 3.13
N SER A 66 23.03 -19.79 4.01
CA SER A 66 21.80 -20.34 4.56
C SER A 66 21.31 -19.34 5.60
N PRO A 67 20.10 -18.80 5.45
CA PRO A 67 19.62 -17.81 6.43
C PRO A 67 19.56 -18.33 7.85
N THR A 68 19.26 -19.62 8.05
CA THR A 68 19.26 -20.23 9.38
C THR A 68 20.69 -20.41 9.90
N PHE A 75 31.87 -15.69 11.20
CA PHE A 75 32.00 -14.50 10.36
C PHE A 75 33.00 -13.52 10.96
N THR A 76 34.10 -13.29 10.24
CA THR A 76 35.11 -12.35 10.71
C THR A 76 34.53 -10.95 10.86
N ASN A 77 34.13 -10.35 9.74
CA ASN A 77 33.53 -9.02 9.73
C ASN A 77 32.14 -9.07 9.09
N VAL A 78 31.19 -8.36 9.70
CA VAL A 78 29.88 -8.14 9.09
C VAL A 78 29.71 -6.64 8.92
N TYR A 79 29.26 -6.22 7.74
CA TYR A 79 28.99 -4.83 7.44
C TYR A 79 27.48 -4.59 7.35
N ALA A 80 27.00 -3.63 8.14
CA ALA A 80 25.60 -3.21 8.12
C ALA A 80 25.50 -1.86 7.43
N ASP A 81 25.00 -1.86 6.21
CA ASP A 81 24.74 -0.62 5.47
C ASP A 81 23.27 -0.25 5.59
N SER A 82 23.00 1.04 5.78
CA SER A 82 21.62 1.48 6.01
C SER A 82 21.35 2.79 5.32
N PHE A 83 20.10 2.94 4.87
CA PHE A 83 19.67 4.11 4.12
C PHE A 83 18.15 4.03 3.96
N VAL A 84 17.60 5.11 3.41
CA VAL A 84 16.18 5.21 3.11
C VAL A 84 16.01 5.29 1.61
N ILE A 85 15.08 4.51 1.08
CA ILE A 85 14.65 4.61 -0.30
C ILE A 85 13.12 4.55 -0.33
N ARG A 86 12.58 4.60 -1.52
CA ARG A 86 11.14 4.57 -1.67
C ARG A 86 10.67 3.12 -1.86
N GLY A 87 9.41 2.86 -1.50
CA GLY A 87 8.94 1.49 -1.46
C GLY A 87 9.13 0.73 -2.76
N ASP A 88 8.77 1.35 -3.88
CA ASP A 88 8.88 0.64 -5.15
C ASP A 88 10.33 0.45 -5.59
N GLU A 89 11.32 0.98 -4.86
CA GLU A 89 12.72 0.83 -5.23
C GLU A 89 13.43 -0.28 -4.45
N VAL A 90 12.79 -0.84 -3.42
CA VAL A 90 13.42 -1.88 -2.60
C VAL A 90 13.87 -3.07 -3.45
N ARG A 91 13.14 -3.37 -4.53
CA ARG A 91 13.53 -4.45 -5.41
C ARG A 91 14.90 -4.24 -6.04
N GLN A 92 15.38 -3.00 -6.13
CA GLN A 92 16.68 -2.76 -6.75
C GLN A 92 17.83 -3.13 -5.84
N ILE A 93 17.59 -3.27 -4.53
CA ILE A 93 18.62 -3.65 -3.57
C ILE A 93 18.73 -5.16 -3.56
N ALA A 94 19.28 -5.70 -4.64
CA ALA A 94 19.44 -7.14 -4.81
C ALA A 94 20.48 -7.37 -5.88
N PRO A 95 21.15 -8.52 -5.89
CA PRO A 95 22.11 -8.81 -6.96
C PRO A 95 21.44 -8.73 -8.33
N GLY A 96 22.16 -8.15 -9.28
CA GLY A 96 21.76 -8.16 -10.68
C GLY A 96 20.63 -7.23 -11.07
N GLN A 97 20.38 -6.16 -10.32
CA GLN A 97 19.31 -5.22 -10.62
C GLN A 97 19.82 -3.93 -11.26
N THR A 98 18.89 -3.16 -11.83
CA THR A 98 19.21 -1.89 -12.46
C THR A 98 18.13 -0.87 -12.10
N GLY A 99 18.44 0.40 -12.38
CA GLY A 99 17.67 1.54 -11.94
C GLY A 99 18.57 2.56 -11.23
N LYS A 100 17.99 3.76 -10.99
CA LYS A 100 18.79 4.86 -10.42
C LYS A 100 19.49 4.44 -9.15
N ILE A 101 18.80 3.65 -8.33
CA ILE A 101 19.35 3.29 -7.05
C ILE A 101 20.51 2.31 -7.24
N ALA A 102 20.24 1.17 -7.87
CA ALA A 102 21.30 0.20 -8.12
C ALA A 102 22.39 0.80 -9.00
N ASP A 103 22.02 1.63 -9.99
CA ASP A 103 23.04 2.15 -10.89
C ASP A 103 23.84 3.28 -10.26
N TYR A 104 23.17 4.21 -9.58
CA TYR A 104 23.80 5.46 -9.18
C TYR A 104 23.96 5.65 -7.68
N ASN A 105 23.40 4.77 -6.83
CA ASN A 105 23.33 5.08 -5.41
C ASN A 105 23.87 3.97 -4.51
N TYR A 106 23.40 2.73 -4.69
CA TYR A 106 23.87 1.62 -3.87
C TYR A 106 23.77 0.34 -4.69
N LYS A 107 24.92 -0.30 -4.94
CA LYS A 107 25.02 -1.43 -5.86
C LYS A 107 25.53 -2.66 -5.13
N LEU A 108 24.75 -3.82 -5.21
CA LEU A 108 25.23 -5.08 -4.67
C LEU A 108 25.95 -5.89 -5.76
N PRO A 109 26.97 -6.65 -5.40
CA PRO A 109 27.65 -7.49 -6.40
C PRO A 109 26.81 -8.69 -6.80
N ASP A 110 27.21 -9.33 -7.90
CA ASP A 110 26.53 -10.55 -8.34
C ASP A 110 26.71 -11.67 -7.34
N ASP A 111 27.89 -11.77 -6.71
CA ASP A 111 28.22 -12.81 -5.75
C ASP A 111 27.98 -12.35 -4.31
N PHE A 112 26.98 -11.52 -4.09
CA PHE A 112 26.67 -10.99 -2.77
C PHE A 112 26.45 -12.11 -1.76
N THR A 113 27.05 -11.95 -0.58
CA THR A 113 26.88 -12.86 0.56
C THR A 113 26.37 -12.03 1.73
N GLY A 114 25.09 -12.18 2.03
CA GLY A 114 24.47 -11.41 3.10
C GLY A 114 22.96 -11.36 2.91
N CYS A 115 22.35 -10.41 3.61
CA CYS A 115 20.91 -10.27 3.65
C CYS A 115 20.50 -8.83 3.41
N VAL A 116 19.35 -8.66 2.76
CA VAL A 116 18.70 -7.37 2.56
C VAL A 116 17.43 -7.36 3.40
N ILE A 117 17.29 -6.33 4.25
CA ILE A 117 16.14 -6.18 5.14
C ILE A 117 15.54 -4.80 4.95
N ALA A 118 14.22 -4.73 4.87
CA ALA A 118 13.56 -3.44 4.70
C ALA A 118 12.25 -3.43 5.47
N TRP A 119 11.81 -2.21 5.81
CA TRP A 119 10.51 -2.04 6.45
C TRP A 119 9.97 -0.67 6.10
N ASN A 120 8.65 -0.56 6.09
CA ASN A 120 7.99 0.70 5.81
C ASN A 120 8.25 1.66 6.96
N SER A 121 8.68 2.88 6.64
CA SER A 121 8.99 3.86 7.66
C SER A 121 8.17 5.13 7.47
N ASN A 122 6.99 4.98 6.85
CA ASN A 122 6.11 6.12 6.62
C ASN A 122 5.87 6.91 7.91
N ASN A 123 5.74 6.21 9.03
CA ASN A 123 5.41 6.88 10.29
C ASN A 123 6.58 7.71 10.82
N LEU A 124 7.82 7.40 10.43
CA LEU A 124 8.96 8.16 10.91
C LEU A 124 9.51 9.15 9.89
N ASP A 125 9.37 8.84 8.60
CA ASP A 125 10.09 9.55 7.54
C ASP A 125 9.19 10.33 6.61
N SER A 126 7.87 10.27 6.78
CA SER A 126 6.95 11.10 6.03
C SER A 126 6.47 12.26 6.89
N LYS A 127 6.02 13.33 6.23
CA LYS A 127 5.46 14.50 6.89
C LYS A 127 4.35 15.06 6.02
N VAL A 128 3.34 15.65 6.68
CA VAL A 128 2.13 16.07 5.97
C VAL A 128 2.47 17.05 4.85
N GLY A 129 3.29 18.05 5.15
CA GLY A 129 3.74 18.91 4.07
C GLY A 129 4.73 18.27 3.11
N GLY A 130 5.27 17.10 3.47
CA GLY A 130 6.30 16.46 2.68
C GLY A 130 7.63 16.51 3.38
N ASN A 131 8.32 15.38 3.49
CA ASN A 131 9.69 15.36 3.98
C ASN A 131 10.63 15.28 2.78
N TYR A 132 11.45 16.30 2.61
CA TYR A 132 12.32 16.39 1.44
C TYR A 132 13.78 16.18 1.80
N ASN A 133 14.06 15.83 3.06
CA ASN A 133 15.45 15.83 3.50
C ASN A 133 16.24 14.65 2.98
N TYR A 134 15.57 13.56 2.59
CA TYR A 134 16.23 12.41 2.01
C TYR A 134 16.46 12.62 0.51
N LEU A 135 17.69 12.38 0.06
CA LEU A 135 18.07 12.57 -1.34
C LEU A 135 18.54 11.27 -1.97
N TYR A 136 18.55 11.26 -3.30
CA TYR A 136 19.22 10.23 -4.09
C TYR A 136 19.96 10.90 -5.24
N ARG A 137 20.97 10.21 -5.78
CA ARG A 137 21.72 10.74 -6.91
C ARG A 137 20.94 10.49 -8.21
N LEU A 138 20.72 11.56 -8.96
CA LEU A 138 19.94 11.55 -10.19
C LEU A 138 20.78 11.38 -11.44
N PHE A 139 22.02 11.89 -11.46
CA PHE A 139 22.88 11.84 -12.63
C PHE A 139 24.24 11.29 -12.26
N ARG A 140 24.84 10.52 -13.17
CA ARG A 140 26.20 10.04 -12.97
C ARG A 140 26.77 9.62 -14.32
N LYS A 141 28.07 9.83 -14.49
CA LYS A 141 28.71 9.50 -15.76
C LYS A 141 28.85 8.00 -15.98
N SER A 142 28.87 7.20 -14.91
CA SER A 142 28.97 5.75 -15.04
C SER A 142 28.28 5.11 -13.84
N ASN A 143 28.03 3.81 -13.96
CA ASN A 143 27.37 3.08 -12.89
C ASN A 143 28.35 2.83 -11.75
N LEU A 144 27.81 2.80 -10.53
CA LEU A 144 28.64 2.48 -9.38
C LEU A 144 29.13 1.05 -9.46
N LYS A 145 30.36 0.83 -9.01
CA LYS A 145 30.83 -0.52 -8.75
C LYS A 145 30.18 -1.04 -7.47
N PRO A 146 30.16 -2.35 -7.27
CA PRO A 146 29.52 -2.90 -6.06
C PRO A 146 30.13 -2.29 -4.80
N PHE A 147 29.25 -1.90 -3.87
CA PHE A 147 29.65 -1.30 -2.59
C PHE A 147 30.41 0.02 -2.76
N GLU A 148 30.36 0.64 -3.94
CA GLU A 148 30.95 1.96 -4.07
C GLU A 148 30.02 3.03 -3.53
N ARG A 149 30.61 4.06 -2.94
CA ARG A 149 29.87 5.17 -2.35
C ARG A 149 30.32 6.46 -3.01
N ASP A 150 29.36 7.22 -3.55
CA ASP A 150 29.66 8.50 -4.20
C ASP A 150 28.89 9.60 -3.50
N ILE A 151 29.60 10.44 -2.75
CA ILE A 151 29.01 11.57 -2.06
C ILE A 151 29.40 12.90 -2.70
N SER A 152 30.00 12.87 -3.89
CA SER A 152 30.37 14.11 -4.55
C SER A 152 29.13 14.86 -5.02
N THR A 153 29.28 16.17 -5.15
CA THR A 153 28.21 17.04 -5.63
C THR A 153 28.73 17.91 -6.76
N GLU A 154 29.45 17.28 -7.68
CA GLU A 154 29.98 17.99 -8.84
C GLU A 154 28.87 18.29 -9.83
N ILE A 155 28.88 19.50 -10.40
CA ILE A 155 27.89 19.83 -11.40
C ILE A 155 28.00 18.86 -12.57
N TYR A 156 26.86 18.34 -13.00
CA TYR A 156 26.83 17.27 -14.00
C TYR A 156 26.71 17.87 -15.39
N GLN A 157 27.63 17.48 -16.27
CA GLN A 157 27.70 18.07 -17.61
C GLN A 157 26.85 17.21 -18.54
N ALA A 158 25.64 17.66 -18.83
CA ALA A 158 24.70 16.91 -19.66
C ALA A 158 24.87 17.18 -21.15
N GLY A 159 25.68 18.17 -21.52
CA GLY A 159 25.92 18.49 -22.91
C GLY A 159 27.39 18.64 -23.25
N SER A 160 27.69 19.30 -24.37
CA SER A 160 29.06 19.41 -24.82
C SER A 160 29.84 20.55 -24.17
N THR A 161 29.15 21.53 -23.59
CA THR A 161 29.88 22.66 -23.04
C THR A 161 30.26 22.39 -21.58
N PRO A 162 31.53 22.58 -21.20
CA PRO A 162 31.91 22.38 -19.81
C PRO A 162 31.20 23.35 -18.88
N CYS A 163 31.02 22.93 -17.64
CA CYS A 163 30.22 23.67 -16.67
C CYS A 163 31.03 24.51 -15.70
N ASN A 164 32.29 24.14 -15.43
CA ASN A 164 33.17 24.86 -14.52
C ASN A 164 32.51 25.10 -13.16
N GLY A 165 31.76 24.10 -12.70
CA GLY A 165 31.15 24.16 -11.39
C GLY A 165 29.97 25.11 -11.27
N VAL A 166 29.38 25.53 -12.38
CA VAL A 166 28.31 26.51 -12.39
C VAL A 166 27.02 25.84 -12.87
N GLU A 167 25.95 26.03 -12.11
CA GLU A 167 24.64 25.49 -12.51
C GLU A 167 24.07 26.31 -13.66
N GLY A 168 23.45 25.62 -14.61
CA GLY A 168 22.86 26.27 -15.75
C GLY A 168 22.31 25.23 -16.70
N PHE A 169 21.94 25.68 -17.91
CA PHE A 169 21.44 24.74 -18.90
C PHE A 169 22.47 23.65 -19.17
N ASN A 170 22.02 22.40 -19.15
CA ASN A 170 22.87 21.22 -19.37
C ASN A 170 23.98 21.10 -18.32
N CYS A 171 23.83 21.78 -17.19
CA CYS A 171 24.85 21.81 -16.12
C CYS A 171 24.09 21.70 -14.80
N TYR A 172 23.87 20.47 -14.34
CA TYR A 172 22.86 20.19 -13.33
C TYR A 172 23.47 19.69 -12.03
N PHE A 173 22.92 20.16 -10.92
CA PHE A 173 23.18 19.54 -9.64
C PHE A 173 22.77 18.07 -9.71
N PRO A 174 23.57 17.15 -9.17
CA PRO A 174 23.31 15.72 -9.40
C PRO A 174 22.45 15.01 -8.38
N LEU A 175 21.94 15.70 -7.36
CA LEU A 175 21.11 15.09 -6.33
C LEU A 175 19.70 15.65 -6.38
N GLN A 176 18.73 14.81 -6.00
CA GLN A 176 17.30 15.12 -6.06
C GLN A 176 16.61 14.68 -4.76
N SER A 177 15.74 15.53 -4.22
CA SER A 177 15.01 15.17 -3.00
C SER A 177 13.91 14.14 -3.29
N TYR A 178 13.78 13.16 -2.41
CA TYR A 178 12.53 12.43 -2.30
C TYR A 178 11.47 13.34 -1.68
N GLY A 179 10.21 13.10 -2.03
CA GLY A 179 9.09 13.81 -1.43
C GLY A 179 8.18 12.86 -0.67
N PHE A 180 8.44 12.66 0.62
CA PHE A 180 7.70 11.68 1.41
C PHE A 180 6.53 12.35 2.13
N GLN A 181 5.31 12.04 1.69
CA GLN A 181 4.07 12.45 2.33
C GLN A 181 3.30 11.22 2.79
N PRO A 182 2.72 11.24 4.00
CA PRO A 182 2.11 10.02 4.55
C PRO A 182 0.91 9.52 3.77
N THR A 183 0.28 10.35 2.94
CA THR A 183 -0.89 9.94 2.18
C THR A 183 -0.54 9.43 0.79
N ASN A 184 0.74 9.42 0.42
CA ASN A 184 1.13 8.85 -0.86
C ASN A 184 0.89 7.34 -0.87
N GLY A 185 0.81 6.80 -2.08
CA GLY A 185 0.76 5.34 -2.22
C GLY A 185 1.97 4.68 -1.59
N VAL A 186 1.79 3.43 -1.20
CA VAL A 186 2.80 2.71 -0.42
C VAL A 186 4.10 2.60 -1.21
N GLY A 187 4.00 2.45 -2.53
CA GLY A 187 5.19 2.40 -3.37
C GLY A 187 5.99 3.69 -3.35
N TYR A 188 5.36 4.80 -2.99
CA TYR A 188 6.03 6.08 -2.88
C TYR A 188 6.40 6.41 -1.44
N GLN A 189 6.01 5.56 -0.50
CA GLN A 189 6.33 5.81 0.89
C GLN A 189 7.78 5.43 1.17
N PRO A 190 8.35 6.01 2.22
CA PRO A 190 9.76 5.72 2.56
C PRO A 190 9.91 4.38 3.24
N TYR A 191 10.99 3.69 2.88
CA TYR A 191 11.40 2.44 3.52
C TYR A 191 12.82 2.55 4.01
N ARG A 192 13.05 2.09 5.23
CA ARG A 192 14.38 1.95 5.76
C ARG A 192 14.95 0.59 5.36
N VAL A 193 16.20 0.59 4.94
CA VAL A 193 16.86 -0.60 4.41
C VAL A 193 18.13 -0.84 5.20
N VAL A 194 18.37 -2.09 5.57
CA VAL A 194 19.65 -2.51 6.15
C VAL A 194 20.19 -3.65 5.33
N VAL A 195 21.41 -3.49 4.81
CA VAL A 195 22.08 -4.55 4.07
C VAL A 195 23.20 -5.09 4.94
N LEU A 196 23.13 -6.37 5.27
CA LEU A 196 24.14 -7.06 6.06
C LEU A 196 24.97 -7.92 5.12
N SER A 197 26.27 -7.64 5.03
CA SER A 197 27.14 -8.46 4.20
C SER A 197 28.19 -9.11 5.09
N PHE A 198 28.49 -10.36 4.80
CA PHE A 198 29.43 -11.15 5.58
C PHE A 198 30.73 -11.36 4.84
N VAL B 2 23.94 17.31 2.79
CA VAL B 2 23.27 18.23 1.88
C VAL B 2 21.82 18.49 2.28
N GLN B 3 21.51 19.75 2.59
CA GLN B 3 20.16 20.08 3.03
C GLN B 3 19.97 21.58 2.99
N LEU B 4 18.70 21.98 2.95
CA LEU B 4 18.28 23.37 3.04
C LEU B 4 17.39 23.52 4.27
N GLN B 5 17.61 24.58 5.05
CA GLN B 5 16.88 24.79 6.28
C GLN B 5 16.39 26.24 6.31
N GLU B 6 15.07 26.42 6.23
CA GLU B 6 14.47 27.75 6.20
C GLU B 6 14.18 28.23 7.61
N SER B 7 14.33 29.54 7.80
CA SER B 7 13.94 30.19 9.04
C SER B 7 13.49 31.60 8.72
N GLY B 8 12.97 32.30 9.73
CA GLY B 8 12.56 33.69 9.59
C GLY B 8 11.06 33.91 9.54
N GLY B 9 10.25 32.87 9.41
CA GLY B 9 8.81 33.02 9.35
C GLY B 9 8.19 33.30 10.71
N GLY B 10 6.88 33.47 10.71
CA GLY B 10 6.13 33.74 11.93
C GLY B 10 4.93 34.62 11.60
N SER B 11 4.54 35.46 12.57
CA SER B 11 3.41 36.36 12.41
C SER B 11 3.88 37.80 12.24
N VAL B 12 3.13 38.54 11.43
CA VAL B 12 3.45 39.93 11.14
C VAL B 12 2.15 40.64 10.77
N GLN B 13 2.07 41.92 11.13
CA GLN B 13 0.91 42.76 10.81
C GLN B 13 0.98 43.20 9.34
N ALA B 14 -0.20 43.31 8.73
CA ALA B 14 -0.29 43.81 7.36
C ALA B 14 0.45 45.13 7.23
N GLY B 15 1.20 45.28 6.14
CA GLY B 15 2.09 46.42 5.97
C GLY B 15 3.48 46.21 6.54
N GLY B 16 3.67 45.19 7.37
CA GLY B 16 4.96 44.94 7.98
C GLY B 16 5.94 44.22 7.06
N SER B 17 7.05 43.81 7.65
CA SER B 17 8.19 43.27 6.94
C SER B 17 8.70 42.01 7.64
N LEU B 18 9.22 41.07 6.85
CA LEU B 18 9.92 39.90 7.35
C LEU B 18 11.08 39.58 6.41
N ARG B 19 12.09 38.91 6.92
CA ARG B 19 13.20 38.43 6.11
C ARG B 19 13.36 36.93 6.34
N LEU B 20 13.15 36.14 5.30
CA LEU B 20 13.39 34.70 5.37
C LEU B 20 14.82 34.39 4.99
N SER B 21 15.32 33.30 5.52
CA SER B 21 16.66 32.83 5.21
C SER B 21 16.61 31.33 5.05
N CYS B 22 17.35 30.81 4.08
CA CYS B 22 17.46 29.37 3.89
C CYS B 22 18.93 28.99 3.92
N ALA B 23 19.36 28.41 5.04
CA ALA B 23 20.75 28.02 5.20
C ALA B 23 21.03 26.73 4.45
N ALA B 24 22.08 26.72 3.63
CA ALA B 24 22.44 25.57 2.84
C ALA B 24 23.66 24.89 3.43
N SER B 25 23.59 23.57 3.58
CA SER B 25 24.70 22.73 3.99
C SER B 25 25.08 21.81 2.83
N GLY B 26 26.37 21.66 2.58
CA GLY B 26 26.83 20.79 1.51
C GLY B 26 26.45 21.27 0.13
N TYR B 27 26.05 22.54 0.00
CA TYR B 27 25.59 23.11 -1.25
C TYR B 27 26.05 24.56 -1.29
N THR B 28 26.77 24.93 -2.34
CA THR B 28 27.34 26.28 -2.43
C THR B 28 26.33 27.19 -3.12
N VAL B 29 25.82 28.18 -2.38
CA VAL B 29 24.74 28.99 -2.96
C VAL B 29 25.24 29.88 -4.09
N SER B 30 26.51 30.31 -4.05
CA SER B 30 26.99 31.33 -4.98
C SER B 30 26.73 30.93 -6.43
N VAL B 31 27.09 29.70 -6.80
CA VAL B 31 27.04 29.28 -8.20
C VAL B 31 25.75 28.51 -8.51
N GLY B 32 24.74 28.58 -7.65
CA GLY B 32 23.56 27.77 -7.78
C GLY B 32 22.36 28.53 -8.33
N CYS B 33 21.43 27.76 -8.88
CA CYS B 33 20.10 28.26 -9.21
C CYS B 33 19.18 27.93 -8.04
N MET B 34 18.51 28.95 -7.50
CA MET B 34 17.75 28.81 -6.26
C MET B 34 16.48 29.65 -6.35
N ALA B 35 15.44 29.24 -5.62
CA ALA B 35 14.19 29.96 -5.70
C ALA B 35 13.39 29.80 -4.41
N TRP B 36 12.49 30.75 -4.19
CA TRP B 36 11.50 30.69 -3.12
C TRP B 36 10.14 30.45 -3.75
N PHE B 37 9.40 29.49 -3.20
CA PHE B 37 8.02 29.21 -3.56
C PHE B 37 7.16 29.41 -2.31
N ARG B 38 5.85 29.47 -2.51
CA ARG B 38 4.92 29.52 -1.40
C ARG B 38 3.63 28.80 -1.76
N GLN B 39 2.95 28.31 -0.73
CA GLN B 39 1.70 27.59 -0.90
C GLN B 39 0.73 27.99 0.20
N ALA B 40 -0.38 28.62 -0.18
CA ALA B 40 -1.46 28.88 0.76
C ALA B 40 -2.34 27.64 0.88
N PRO B 41 -3.07 27.48 1.98
CA PRO B 41 -3.77 26.21 2.24
C PRO B 41 -4.81 25.88 1.19
N GLY B 42 -4.83 24.61 0.77
CA GLY B 42 -5.78 24.15 -0.22
C GLY B 42 -5.65 24.81 -1.57
N LYS B 43 -4.55 25.49 -1.83
CA LYS B 43 -4.37 26.33 -3.00
C LYS B 43 -3.09 25.94 -3.73
N GLU B 44 -2.92 26.42 -4.97
CA GLU B 44 -1.78 25.99 -5.79
C GLU B 44 -0.51 26.71 -5.40
N ARG B 45 0.57 25.95 -5.31
CA ARG B 45 1.92 26.47 -5.13
C ARG B 45 2.29 27.51 -6.19
N GLU B 46 2.94 28.58 -5.74
CA GLU B 46 3.31 29.71 -6.58
C GLU B 46 4.79 30.00 -6.41
N GLY B 47 5.50 30.18 -7.53
CA GLY B 47 6.89 30.64 -7.47
C GLY B 47 6.90 32.13 -7.21
N VAL B 48 7.66 32.57 -6.22
CA VAL B 48 7.69 33.98 -5.85
C VAL B 48 8.97 34.67 -6.31
N ALA B 49 10.13 34.02 -6.16
CA ALA B 49 11.37 34.69 -6.51
C ALA B 49 12.44 33.66 -6.82
N GLY B 50 13.21 33.90 -7.88
CA GLY B 50 14.28 33.00 -8.27
C GLY B 50 15.51 33.79 -8.65
N ILE B 51 16.66 33.13 -8.53
CA ILE B 51 17.95 33.76 -8.83
C ILE B 51 18.86 32.73 -9.49
N ASP B 52 19.66 33.15 -10.45
CA ASP B 52 20.58 32.24 -11.13
C ASP B 52 22.02 32.51 -10.69
N ALA B 53 22.94 31.71 -11.22
CA ALA B 53 24.36 31.86 -10.92
C ALA B 53 24.87 33.23 -11.34
N SER B 54 24.30 33.82 -12.39
CA SER B 54 24.71 35.12 -12.90
C SER B 54 24.21 36.28 -12.05
N GLY B 55 23.42 36.02 -11.01
CA GLY B 55 22.88 37.07 -10.19
C GLY B 55 21.60 37.67 -10.73
N ILE B 56 21.06 37.13 -11.81
CA ILE B 56 19.82 37.61 -12.39
C ILE B 56 18.65 37.06 -11.59
N THR B 57 17.72 37.93 -11.23
CA THR B 57 16.56 37.56 -10.43
C THR B 57 15.29 37.67 -11.25
N LYS B 58 14.27 36.89 -10.85
CA LYS B 58 12.93 36.97 -11.41
C LYS B 58 11.94 36.91 -10.26
N TYR B 59 10.87 37.69 -10.37
CA TYR B 59 9.83 37.76 -9.35
C TYR B 59 8.47 37.49 -9.96
N SER B 60 7.59 36.86 -9.18
CA SER B 60 6.21 36.75 -9.61
C SER B 60 5.55 38.13 -9.59
N ASP B 61 4.55 38.31 -10.45
CA ASP B 61 3.88 39.61 -10.50
C ASP B 61 3.29 40.00 -9.15
N SER B 62 2.84 39.02 -8.36
CA SER B 62 2.19 39.34 -7.10
C SER B 62 3.14 39.96 -6.08
N VAL B 63 4.46 39.79 -6.22
CA VAL B 63 5.40 40.28 -5.21
C VAL B 63 6.41 41.27 -5.76
N LYS B 64 6.40 41.55 -7.06
CA LYS B 64 7.39 42.47 -7.61
C LYS B 64 7.26 43.85 -6.96
N GLY B 65 8.40 44.49 -6.71
CA GLY B 65 8.41 45.75 -6.01
C GLY B 65 8.39 45.65 -4.51
N ARG B 66 8.07 44.47 -3.95
CA ARG B 66 8.00 44.28 -2.52
C ARG B 66 8.98 43.25 -1.98
N PHE B 67 9.28 42.20 -2.73
CA PHE B 67 10.22 41.19 -2.25
C PHE B 67 11.55 41.32 -2.98
N THR B 68 12.62 40.98 -2.29
CA THR B 68 13.96 40.95 -2.86
C THR B 68 14.63 39.65 -2.44
N ILE B 69 15.10 38.89 -3.42
CA ILE B 69 15.86 37.66 -3.18
C ILE B 69 17.35 37.97 -3.35
N SER B 70 18.17 37.41 -2.46
CA SER B 70 19.61 37.69 -2.52
C SER B 70 20.38 36.53 -1.93
N LYS B 71 21.64 36.40 -2.35
CA LYS B 71 22.51 35.34 -1.85
C LYS B 71 23.40 35.87 -0.72
N ASP B 72 23.46 35.15 0.38
CA ASP B 72 24.32 35.48 1.51
C ASP B 72 25.49 34.49 1.48
N ASN B 73 26.64 34.96 0.99
CA ASN B 73 27.77 34.04 0.85
C ASN B 73 28.62 33.96 2.10
N ALA B 74 28.36 34.82 3.10
CA ALA B 74 29.01 34.66 4.40
C ALA B 74 28.39 33.51 5.16
N LYS B 75 27.07 33.45 5.23
CA LYS B 75 26.35 32.37 5.91
C LYS B 75 26.02 31.20 4.99
N ASN B 76 26.26 31.34 3.69
CA ASN B 76 25.86 30.35 2.68
C ASN B 76 24.36 30.06 2.77
N ALA B 77 23.58 31.12 2.54
CA ALA B 77 22.15 31.07 2.66
C ALA B 77 21.54 31.91 1.54
N LEU B 78 20.27 31.64 1.25
CA LEU B 78 19.47 32.40 0.31
C LEU B 78 18.43 33.19 1.10
N ASP B 79 18.41 34.51 0.92
CA ASP B 79 17.55 35.39 1.71
C ASP B 79 16.38 35.91 0.88
N LEU B 80 15.26 36.18 1.57
CA LEU B 80 14.09 36.76 0.93
C LEU B 80 13.56 37.88 1.82
N GLN B 81 13.78 39.12 1.39
CA GLN B 81 13.26 40.28 2.08
C GLN B 81 11.83 40.54 1.61
N MET B 82 10.88 40.59 2.55
CA MET B 82 9.46 40.74 2.23
C MET B 82 8.91 42.01 2.87
N ASN B 83 8.61 43.02 2.06
CA ASN B 83 8.08 44.29 2.54
C ASN B 83 6.63 44.47 2.13
N GLY B 84 5.93 45.38 2.82
CA GLY B 84 4.55 45.70 2.52
C GLY B 84 3.64 44.48 2.51
N LEU B 85 3.78 43.62 3.51
CA LEU B 85 3.10 42.34 3.52
C LEU B 85 1.59 42.49 3.63
N LYS B 86 0.88 41.59 2.97
CA LYS B 86 -0.57 41.59 2.84
C LYS B 86 -1.09 40.25 3.30
N PRO B 87 -2.36 40.18 3.74
CA PRO B 87 -2.93 38.87 4.13
C PRO B 87 -2.81 37.84 3.03
N GLU B 88 -2.94 38.29 1.78
CA GLU B 88 -2.53 37.64 0.53
C GLU B 88 -1.29 36.77 0.64
N ASP B 89 -0.27 37.28 1.34
CA ASP B 89 1.03 36.65 1.41
C ASP B 89 1.11 35.54 2.45
N THR B 90 0.05 35.32 3.22
CA THR B 90 0.02 34.23 4.18
C THR B 90 0.17 32.90 3.45
N ALA B 91 1.14 32.11 3.85
CA ALA B 91 1.41 30.84 3.18
C ALA B 91 2.59 30.16 3.86
N MET B 92 2.78 28.89 3.52
CA MET B 92 4.02 28.21 3.82
C MET B 92 5.01 28.56 2.72
N TYR B 93 6.17 29.12 3.09
CA TYR B 93 7.20 29.51 2.13
C TYR B 93 8.28 28.44 2.07
N HIS B 94 8.73 28.11 0.86
CA HIS B 94 9.53 26.91 0.68
C HIS B 94 10.68 27.24 -0.25
N CYS B 95 11.90 26.87 0.15
CA CYS B 95 13.08 27.14 -0.64
C CYS B 95 13.56 25.88 -1.36
N ALA B 96 14.09 26.06 -2.56
CA ALA B 96 14.58 24.96 -3.38
C ALA B 96 15.83 25.39 -4.12
N ALA B 97 16.67 24.42 -4.47
CA ALA B 97 17.99 24.71 -5.03
C ALA B 97 18.47 23.54 -5.87
N GLY B 98 19.41 23.83 -6.76
CA GLY B 98 20.06 22.78 -7.53
C GLY B 98 19.30 22.46 -8.79
N LEU B 99 19.62 23.14 -9.89
CA LEU B 99 18.93 22.94 -11.15
C LEU B 99 19.20 21.52 -11.67
N VAL B 100 18.13 20.77 -11.92
CA VAL B 100 18.25 19.40 -12.42
C VAL B 100 17.63 19.21 -13.79
N ARG B 101 16.97 20.23 -14.34
CA ARG B 101 16.33 20.12 -15.64
C ARG B 101 16.10 21.52 -16.19
N GLY B 102 16.17 21.63 -17.51
CA GLY B 102 15.84 22.88 -18.16
C GLY B 102 16.84 23.98 -17.86
N SER B 103 16.33 25.20 -17.74
CA SER B 103 17.12 26.39 -17.46
C SER B 103 16.63 27.05 -16.18
N CYS B 104 17.52 27.82 -15.54
CA CYS B 104 17.13 28.50 -14.32
C CYS B 104 16.03 29.52 -14.56
N THR B 105 15.90 30.02 -15.80
CA THR B 105 15.02 31.16 -16.02
C THR B 105 13.55 30.80 -15.90
N ASP B 106 13.19 29.51 -15.91
CA ASP B 106 11.80 29.09 -15.87
C ASP B 106 11.46 28.35 -14.57
N VAL B 107 12.34 28.39 -13.56
CA VAL B 107 12.12 27.53 -12.39
C VAL B 107 10.91 28.00 -11.60
N LEU B 108 10.56 29.29 -11.69
CA LEU B 108 9.39 29.76 -10.97
C LEU B 108 8.12 29.07 -11.47
N ASP B 109 8.12 28.66 -12.74
CA ASP B 109 7.03 27.89 -13.32
C ASP B 109 7.25 26.39 -13.27
N HIS B 110 8.44 25.93 -12.87
CA HIS B 110 8.75 24.50 -12.88
C HIS B 110 9.49 24.13 -11.60
N PRO B 111 8.77 24.04 -10.47
CA PRO B 111 9.45 23.68 -9.22
C PRO B 111 10.17 22.34 -9.28
N SER B 112 9.66 21.39 -10.07
CA SER B 112 10.33 20.10 -10.17
C SER B 112 11.69 20.20 -10.86
N TYR B 113 12.02 21.35 -11.47
CA TYR B 113 13.33 21.53 -12.06
C TYR B 113 14.41 21.84 -11.04
N LEU B 114 14.05 22.01 -9.77
CA LEU B 114 15.01 22.17 -8.69
C LEU B 114 15.01 20.91 -7.86
N GLY B 115 16.19 20.33 -7.64
CA GLY B 115 16.29 19.03 -7.01
C GLY B 115 16.15 19.01 -5.50
N VAL B 116 16.69 20.00 -4.80
CA VAL B 116 16.80 19.96 -3.34
C VAL B 116 15.79 20.94 -2.73
N TRP B 117 15.05 20.47 -1.73
CA TRP B 117 13.98 21.26 -1.13
C TRP B 117 14.14 21.30 0.39
N GLY B 118 13.80 22.45 0.99
CA GLY B 118 13.85 22.61 2.42
C GLY B 118 12.61 22.08 3.08
N GLN B 119 12.37 22.53 4.31
CA GLN B 119 11.20 22.07 5.05
C GLN B 119 10.07 23.08 5.06
N GLY B 120 10.32 24.32 4.66
CA GLY B 120 9.25 25.30 4.66
C GLY B 120 9.22 26.10 5.95
N THR B 121 8.79 27.36 5.84
CA THR B 121 8.60 28.17 7.02
C THR B 121 7.31 28.98 6.86
N GLN B 122 6.46 28.93 7.88
CA GLN B 122 5.13 29.53 7.79
C GLN B 122 5.20 31.04 8.01
N VAL B 123 4.51 31.78 7.14
CA VAL B 123 4.35 33.22 7.29
C VAL B 123 2.86 33.50 7.40
N THR B 124 2.44 34.18 8.46
CA THR B 124 1.05 34.53 8.64
C THR B 124 0.92 36.04 8.83
N VAL B 125 0.26 36.69 7.88
CA VAL B 125 0.06 38.13 7.88
C VAL B 125 -1.36 38.40 8.36
N SER B 126 -1.48 39.10 9.49
CA SER B 126 -2.79 39.39 10.06
C SER B 126 -3.20 40.81 9.71
N SER B 127 -4.49 41.00 9.45
CA SER B 127 -5.02 42.29 9.00
C SER B 127 -5.11 43.28 10.15
N CYS C 15 17.19 -29.14 -16.75
CA CYS C 15 15.89 -29.02 -17.41
C CYS C 15 15.72 -27.62 -17.99
N THR C 16 14.85 -27.51 -19.00
CA THR C 16 14.69 -26.27 -19.75
C THR C 16 13.33 -25.61 -19.60
N ASN C 17 12.31 -26.32 -19.13
CA ASN C 17 10.98 -25.74 -18.99
C ASN C 17 11.01 -24.55 -18.03
N LEU C 18 10.36 -23.46 -18.43
CA LEU C 18 10.19 -22.31 -17.56
C LEU C 18 9.10 -22.63 -16.53
N CYS C 19 9.37 -22.32 -15.26
CA CYS C 19 8.39 -22.62 -14.23
C CYS C 19 7.13 -21.80 -14.46
N PRO C 20 5.95 -22.39 -14.35
CA PRO C 20 4.72 -21.61 -14.61
C PRO C 20 4.29 -20.78 -13.40
N PHE C 21 5.15 -19.83 -13.01
CA PHE C 21 4.76 -18.98 -11.90
C PHE C 21 3.70 -17.97 -12.32
N GLY C 22 3.61 -17.69 -13.62
CA GLY C 22 2.59 -16.78 -14.11
C GLY C 22 1.18 -17.26 -13.82
N GLU C 23 0.96 -18.58 -13.95
CA GLU C 23 -0.34 -19.14 -13.61
C GLU C 23 -0.72 -18.85 -12.16
N VAL C 24 0.27 -18.75 -11.28
CA VAL C 24 -0.01 -18.43 -9.89
C VAL C 24 -0.18 -16.93 -9.71
N PHE C 25 0.86 -16.16 -10.06
CA PHE C 25 0.87 -14.73 -9.76
C PHE C 25 -0.11 -13.95 -10.62
N ASN C 26 -0.30 -14.34 -11.88
CA ASN C 26 -1.15 -13.61 -12.79
C ASN C 26 -2.54 -14.21 -12.94
N ALA C 27 -2.92 -15.12 -12.06
CA ALA C 27 -4.27 -15.68 -12.12
C ALA C 27 -5.30 -14.55 -12.01
N THR C 28 -6.34 -14.64 -12.83
CA THR C 28 -7.32 -13.57 -12.87
C THR C 28 -8.04 -13.45 -11.52
N ARG C 29 -8.32 -14.58 -10.91
CA ARG C 29 -9.08 -14.64 -9.68
C ARG C 29 -8.31 -15.48 -8.67
N PHE C 30 -8.32 -15.08 -7.40
CA PHE C 30 -7.64 -15.83 -6.36
C PHE C 30 -8.64 -16.55 -5.45
N ALA C 31 -8.12 -17.51 -4.69
CA ALA C 31 -8.96 -18.27 -3.77
C ALA C 31 -9.23 -17.48 -2.51
N SER C 32 -10.36 -17.78 -1.88
CA SER C 32 -10.57 -17.36 -0.51
C SER C 32 -9.54 -18.05 0.40
N VAL C 33 -9.13 -17.36 1.46
CA VAL C 33 -8.03 -17.86 2.30
C VAL C 33 -8.43 -19.16 2.99
N TYR C 34 -9.69 -19.31 3.38
CA TYR C 34 -10.10 -20.55 4.04
C TYR C 34 -10.00 -21.75 3.10
N ALA C 35 -10.18 -21.52 1.79
CA ALA C 35 -10.01 -22.56 0.78
C ALA C 35 -8.76 -22.28 -0.05
N TRP C 36 -7.66 -21.98 0.61
CA TRP C 36 -6.47 -21.51 -0.10
C TRP C 36 -6.04 -22.49 -1.18
N ASN C 37 -5.58 -21.93 -2.30
CA ASN C 37 -5.16 -22.74 -3.43
C ASN C 37 -3.73 -23.20 -3.24
N ARG C 38 -3.44 -24.42 -3.70
CA ARG C 38 -2.07 -24.95 -3.73
C ARG C 38 -1.76 -25.47 -5.12
N LYS C 39 -0.64 -25.03 -5.68
CA LYS C 39 -0.14 -25.53 -6.95
C LYS C 39 1.28 -26.02 -6.76
N ARG C 40 1.59 -27.17 -7.34
CA ARG C 40 2.92 -27.77 -7.25
C ARG C 40 3.75 -27.36 -8.45
N ILE C 41 4.94 -26.81 -8.20
CA ILE C 41 5.85 -26.35 -9.24
C ILE C 41 7.11 -27.19 -9.18
N SER C 42 7.49 -27.80 -10.31
CA SER C 42 8.65 -28.67 -10.33
C SER C 42 9.15 -28.83 -11.76
N ASN C 43 10.35 -29.44 -11.87
CA ASN C 43 10.94 -29.84 -13.15
C ASN C 43 11.02 -28.66 -14.10
N CYS C 44 11.57 -27.56 -13.61
CA CYS C 44 11.53 -26.31 -14.34
C CYS C 44 12.57 -25.37 -13.75
N VAL C 45 12.87 -24.32 -14.50
CA VAL C 45 13.83 -23.30 -14.10
C VAL C 45 13.13 -21.94 -14.16
N ALA C 46 13.69 -20.98 -13.42
CA ALA C 46 13.06 -19.68 -13.30
C ALA C 46 14.11 -18.66 -12.85
N ASP C 47 13.71 -17.40 -12.88
CA ASP C 47 14.49 -16.29 -12.33
C ASP C 47 13.56 -15.55 -11.39
N TYR C 48 13.79 -15.72 -10.09
CA TYR C 48 12.84 -15.21 -9.09
C TYR C 48 12.64 -13.70 -9.22
N SER C 49 13.71 -12.96 -9.56
CA SER C 49 13.63 -11.50 -9.60
C SER C 49 12.68 -11.01 -10.68
N VAL C 50 12.42 -11.82 -11.70
CA VAL C 50 11.47 -11.48 -12.75
C VAL C 50 10.03 -11.51 -12.24
N LEU C 51 9.79 -12.14 -11.08
CA LEU C 51 8.45 -12.14 -10.52
C LEU C 51 8.02 -10.73 -10.14
N TYR C 52 8.97 -9.86 -9.80
CA TYR C 52 8.63 -8.50 -9.41
C TYR C 52 7.90 -7.78 -10.53
N ASN C 53 8.18 -8.12 -11.80
CA ASN C 53 7.42 -7.55 -12.90
C ASN C 53 5.98 -8.07 -12.98
N SER C 54 5.62 -9.11 -12.21
CA SER C 54 4.24 -9.59 -12.19
C SER C 54 3.33 -8.62 -11.44
N ALA C 55 3.81 -8.08 -10.33
CA ALA C 55 3.02 -7.16 -9.52
C ALA C 55 3.97 -6.42 -8.58
N SER C 56 3.47 -5.33 -8.00
CA SER C 56 4.26 -4.48 -7.11
C SER C 56 4.27 -5.07 -5.69
N PHE C 57 5.19 -6.04 -5.48
CA PHE C 57 5.32 -6.72 -4.19
C PHE C 57 5.68 -5.73 -3.11
N SER C 58 4.85 -5.66 -2.07
CA SER C 58 5.17 -4.88 -0.88
C SER C 58 5.69 -5.75 0.26
N THR C 59 5.52 -7.07 0.17
CA THR C 59 6.07 -8.00 1.14
C THR C 59 6.82 -9.08 0.37
N PHE C 60 8.06 -9.39 0.80
CA PHE C 60 8.76 -10.52 0.19
C PHE C 60 9.80 -10.94 1.20
N LYS C 61 9.47 -11.98 1.97
CA LYS C 61 10.24 -12.40 3.13
C LYS C 61 10.51 -13.88 3.01
N CYS C 62 11.77 -14.27 3.02
CA CYS C 62 12.16 -15.65 2.90
C CYS C 62 12.74 -16.14 4.23
N TYR C 63 12.53 -17.42 4.52
CA TYR C 63 12.92 -18.01 5.78
C TYR C 63 13.74 -19.25 5.50
N GLY C 64 14.94 -19.32 6.07
CA GLY C 64 15.82 -20.46 5.96
C GLY C 64 16.35 -20.75 4.57
N VAL C 65 15.94 -20.00 3.56
CA VAL C 65 16.37 -20.22 2.19
C VAL C 65 16.54 -18.86 1.49
N SER C 66 17.44 -18.81 0.53
CA SER C 66 17.58 -17.71 -0.39
C SER C 66 16.52 -17.77 -1.49
N PRO C 67 15.92 -16.64 -1.86
CA PRO C 67 14.97 -16.66 -3.00
C PRO C 67 15.60 -17.24 -4.28
N THR C 68 16.93 -17.21 -4.41
CA THR C 68 17.56 -17.80 -5.58
C THR C 68 17.37 -19.31 -5.65
N LYS C 69 17.04 -19.96 -4.54
CA LYS C 69 16.80 -21.39 -4.64
C LYS C 69 15.51 -21.71 -5.36
N LEU C 70 14.65 -20.70 -5.59
CA LEU C 70 13.51 -20.86 -6.48
C LEU C 70 13.89 -20.95 -7.96
N ASN C 71 15.17 -20.72 -8.31
CA ASN C 71 15.56 -20.63 -9.70
C ASN C 71 15.78 -21.99 -10.37
N ASP C 72 16.24 -23.00 -9.63
CA ASP C 72 16.55 -24.31 -10.19
C ASP C 72 15.68 -25.34 -9.49
N LEU C 73 14.53 -25.66 -10.10
CA LEU C 73 13.59 -26.63 -9.57
C LEU C 73 13.53 -27.89 -10.42
N CYS C 74 14.62 -28.21 -11.14
CA CYS C 74 14.61 -29.39 -12.01
C CYS C 74 14.36 -30.66 -11.21
N PHE C 75 14.89 -30.74 -10.00
CA PHE C 75 14.76 -31.92 -9.16
C PHE C 75 14.32 -31.55 -7.76
N THR C 76 13.51 -30.49 -7.65
CA THR C 76 13.03 -29.98 -6.38
C THR C 76 11.58 -29.55 -6.59
N ASN C 77 10.76 -29.69 -5.56
CA ASN C 77 9.35 -29.33 -5.65
C ASN C 77 9.07 -28.12 -4.77
N VAL C 78 8.31 -27.18 -5.34
CA VAL C 78 7.83 -26.00 -4.63
C VAL C 78 6.31 -26.05 -4.63
N TYR C 79 5.72 -25.70 -3.49
CA TYR C 79 4.27 -25.56 -3.38
C TYR C 79 3.99 -24.07 -3.39
N ALA C 80 3.16 -23.63 -4.32
CA ALA C 80 2.75 -22.24 -4.42
C ALA C 80 1.31 -22.18 -3.88
N ASP C 81 1.17 -21.67 -2.67
CA ASP C 81 -0.13 -21.45 -2.05
C ASP C 81 -0.51 -19.99 -2.26
N SER C 82 -1.77 -19.74 -2.61
CA SER C 82 -2.19 -18.37 -2.92
C SER C 82 -3.61 -18.13 -2.43
N PHE C 83 -3.86 -16.89 -2.02
CA PHE C 83 -5.15 -16.51 -1.45
C PHE C 83 -5.18 -15.00 -1.29
N VAL C 84 -6.35 -14.48 -0.90
CA VAL C 84 -6.55 -13.07 -0.57
C VAL C 84 -6.89 -12.95 0.91
N ILE C 85 -6.28 -11.95 1.57
CA ILE C 85 -6.63 -11.54 2.93
C ILE C 85 -6.61 -10.01 2.99
N ARG C 86 -6.81 -9.48 4.20
CA ARG C 86 -6.79 -8.03 4.44
C ARG C 86 -5.36 -7.57 4.69
N GLY C 87 -5.10 -6.30 4.39
CA GLY C 87 -3.75 -5.76 4.52
C GLY C 87 -3.17 -5.96 5.91
N ASP C 88 -3.97 -5.72 6.95
CA ASP C 88 -3.54 -5.88 8.33
C ASP C 88 -3.30 -7.33 8.71
N GLU C 89 -3.63 -8.29 7.86
CA GLU C 89 -3.45 -9.69 8.18
C GLU C 89 -2.23 -10.31 7.54
N VAL C 90 -1.56 -9.61 6.62
CA VAL C 90 -0.39 -10.17 5.94
C VAL C 90 0.67 -10.56 6.94
N ARG C 91 0.80 -9.81 8.04
CA ARG C 91 1.76 -10.16 9.09
C ARG C 91 1.48 -11.53 9.70
N GLN C 92 0.24 -12.03 9.61
CA GLN C 92 -0.05 -13.34 10.16
C GLN C 92 0.49 -14.47 9.30
N ILE C 93 0.82 -14.20 8.04
CA ILE C 93 1.36 -15.23 7.16
C ILE C 93 2.86 -15.31 7.40
N ALA C 94 3.24 -15.85 8.56
CA ALA C 94 4.62 -15.95 8.99
C ALA C 94 4.72 -17.01 10.08
N PRO C 95 5.89 -17.60 10.28
CA PRO C 95 6.03 -18.57 11.38
C PRO C 95 5.71 -17.94 12.73
N GLY C 96 5.03 -18.69 13.58
CA GLY C 96 4.84 -18.28 14.96
C GLY C 96 3.84 -17.19 15.20
N GLN C 97 2.88 -16.98 14.30
CA GLN C 97 1.88 -15.93 14.47
C GLN C 97 0.57 -16.52 14.97
N THR C 98 -0.31 -15.62 15.42
CA THR C 98 -1.65 -15.96 15.88
C THR C 98 -2.62 -14.91 15.35
N GLY C 99 -3.91 -15.19 15.48
CA GLY C 99 -4.96 -14.40 14.88
C GLY C 99 -5.89 -15.26 14.05
N LYS C 100 -6.99 -14.63 13.62
CA LYS C 100 -8.02 -15.37 12.89
C LYS C 100 -7.45 -16.09 11.67
N ILE C 101 -6.54 -15.45 10.96
CA ILE C 101 -6.00 -16.07 9.75
C ILE C 101 -5.04 -17.19 10.09
N ALA C 102 -4.03 -16.89 10.91
CA ALA C 102 -3.07 -17.92 11.31
C ALA C 102 -3.73 -19.06 12.07
N ASP C 103 -4.71 -18.76 12.92
CA ASP C 103 -5.32 -19.80 13.74
C ASP C 103 -6.31 -20.65 12.94
N TYR C 104 -7.17 -20.01 12.12
CA TYR C 104 -8.33 -20.72 11.58
C TYR C 104 -8.31 -20.89 10.08
N ASN C 105 -7.34 -20.30 9.36
CA ASN C 105 -7.45 -20.22 7.92
C ASN C 105 -6.20 -20.74 7.20
N TYR C 106 -5.03 -20.22 7.54
CA TYR C 106 -3.78 -20.65 6.88
C TYR C 106 -2.61 -20.51 7.84
N LYS C 107 -1.94 -21.61 8.15
CA LYS C 107 -0.94 -21.66 9.21
C LYS C 107 0.41 -22.12 8.66
N LEU C 108 1.44 -21.32 8.88
CA LEU C 108 2.78 -21.79 8.54
C LEU C 108 3.42 -22.47 9.74
N PRO C 109 4.25 -23.48 9.52
CA PRO C 109 4.94 -24.14 10.63
C PRO C 109 6.03 -23.24 11.20
N ASP C 110 6.50 -23.61 12.40
CA ASP C 110 7.60 -22.89 13.01
C ASP C 110 8.88 -23.03 12.20
N ASP C 111 9.10 -24.20 11.59
CA ASP C 111 10.30 -24.43 10.79
C ASP C 111 10.07 -24.16 9.30
N PHE C 112 9.20 -23.20 8.99
CA PHE C 112 8.87 -22.88 7.61
C PHE C 112 10.12 -22.57 6.79
N THR C 113 10.21 -23.16 5.61
CA THR C 113 11.30 -22.94 4.66
C THR C 113 10.70 -22.50 3.34
N GLY C 114 10.87 -21.22 3.00
CA GLY C 114 10.31 -20.69 1.78
C GLY C 114 10.16 -19.19 1.88
N CYS C 115 9.33 -18.63 1.00
CA CYS C 115 9.17 -17.20 0.90
C CYS C 115 7.70 -16.82 0.93
N VAL C 116 7.39 -15.69 1.56
CA VAL C 116 6.05 -15.13 1.59
C VAL C 116 6.07 -13.84 0.78
N ILE C 117 5.18 -13.75 -0.22
CA ILE C 117 5.11 -12.61 -1.13
C ILE C 117 3.68 -12.09 -1.13
N ALA C 118 3.52 -10.77 -1.05
CA ALA C 118 2.19 -10.18 -1.03
C ALA C 118 2.21 -8.85 -1.75
N TRP C 119 1.05 -8.46 -2.28
CA TRP C 119 0.91 -7.14 -2.90
C TRP C 119 -0.53 -6.67 -2.79
N ASN C 120 -0.69 -5.34 -2.78
CA ASN C 120 -2.01 -4.74 -2.71
C ASN C 120 -2.78 -5.04 -3.99
N SER C 121 -4.01 -5.53 -3.85
CA SER C 121 -4.83 -5.91 -4.99
C SER C 121 -6.15 -5.15 -5.01
N ASN C 122 -6.17 -3.95 -4.40
CA ASN C 122 -7.38 -3.12 -4.37
C ASN C 122 -7.98 -2.93 -5.76
N ASN C 123 -7.13 -2.71 -6.76
CA ASN C 123 -7.63 -2.43 -8.10
C ASN C 123 -8.22 -3.66 -8.76
N LEU C 124 -7.90 -4.85 -8.28
CA LEU C 124 -8.45 -6.07 -8.88
C LEU C 124 -9.56 -6.69 -8.04
N ASP C 125 -9.52 -6.55 -6.72
CA ASP C 125 -10.37 -7.33 -5.84
C ASP C 125 -11.37 -6.50 -5.05
N SER C 126 -11.35 -5.18 -5.18
CA SER C 126 -12.36 -4.31 -4.60
C SER C 126 -13.34 -3.89 -5.69
N LYS C 127 -14.55 -3.54 -5.25
CA LYS C 127 -15.61 -3.04 -6.13
C LYS C 127 -16.39 -1.99 -5.38
N VAL C 128 -16.92 -1.00 -6.12
CA VAL C 128 -17.52 0.18 -5.49
C VAL C 128 -18.65 -0.23 -4.55
N GLY C 129 -19.53 -1.12 -5.01
CA GLY C 129 -20.55 -1.63 -4.12
C GLY C 129 -20.05 -2.59 -3.06
N GLY C 130 -18.80 -3.04 -3.18
CA GLY C 130 -18.25 -4.04 -2.29
C GLY C 130 -18.08 -5.36 -3.00
N ASN C 131 -16.92 -5.98 -2.87
CA ASN C 131 -16.69 -7.33 -3.37
C ASN C 131 -16.80 -8.29 -2.18
N TYR C 132 -17.78 -9.19 -2.24
CA TYR C 132 -18.07 -10.08 -1.13
C TYR C 132 -17.65 -11.52 -1.39
N ASN C 133 -16.99 -11.78 -2.53
CA ASN C 133 -16.72 -13.16 -2.90
C ASN C 133 -15.63 -13.78 -2.03
N TYR C 134 -14.72 -12.98 -1.49
CA TYR C 134 -13.67 -13.51 -0.63
C TYR C 134 -14.16 -13.71 0.79
N LEU C 135 -13.94 -14.90 1.34
CA LEU C 135 -14.37 -15.26 2.68
C LEU C 135 -13.16 -15.66 3.52
N TYR C 136 -13.35 -15.62 4.84
CA TYR C 136 -12.42 -16.22 5.77
C TYR C 136 -13.22 -16.97 6.83
N ARG C 137 -12.57 -17.95 7.46
CA ARG C 137 -13.20 -18.69 8.54
C ARG C 137 -13.11 -17.85 9.83
N LEU C 138 -14.26 -17.60 10.43
CA LEU C 138 -14.40 -16.77 11.63
C LEU C 138 -14.40 -17.57 12.92
N PHE C 139 -14.90 -18.81 12.92
CA PHE C 139 -14.95 -19.64 14.12
C PHE C 139 -14.34 -21.01 13.85
N ARG C 140 -13.69 -21.55 14.88
CA ARG C 140 -13.17 -22.91 14.84
C ARG C 140 -12.96 -23.38 16.27
N LYS C 141 -13.20 -24.67 16.51
CA LYS C 141 -13.04 -25.22 17.86
C LYS C 141 -11.57 -25.32 18.27
N SER C 142 -10.67 -25.41 17.30
CA SER C 142 -9.24 -25.50 17.60
C SER C 142 -8.45 -24.90 16.45
N ASN C 143 -7.17 -24.65 16.70
CA ASN C 143 -6.30 -24.05 15.70
C ASN C 143 -5.90 -25.07 14.64
N LEU C 144 -5.70 -24.57 13.42
CA LEU C 144 -5.19 -25.39 12.35
C LEU C 144 -3.77 -25.87 12.65
N LYS C 145 -3.46 -27.08 12.22
CA LYS C 145 -2.08 -27.50 12.12
C LYS C 145 -1.42 -26.83 10.91
N PRO C 146 -0.10 -26.79 10.86
CA PRO C 146 0.58 -26.15 9.72
C PRO C 146 0.17 -26.78 8.39
N PHE C 147 -0.14 -25.92 7.41
CA PHE C 147 -0.55 -26.34 6.07
C PHE C 147 -1.86 -27.13 6.07
N GLU C 148 -2.62 -27.11 7.15
CA GLU C 148 -3.93 -27.75 7.12
C GLU C 148 -4.94 -26.83 6.42
N ARG C 149 -5.88 -27.44 5.69
CA ARG C 149 -6.92 -26.74 4.96
C ARG C 149 -8.27 -27.24 5.45
N ASP C 150 -9.12 -26.34 5.91
CA ASP C 150 -10.44 -26.66 6.42
C ASP C 150 -11.45 -25.92 5.55
N ILE C 151 -12.20 -26.66 4.75
CA ILE C 151 -13.26 -26.08 3.93
C ILE C 151 -14.64 -26.52 4.41
N SER C 152 -14.74 -27.12 5.59
CA SER C 152 -16.04 -27.52 6.12
C SER C 152 -16.88 -26.30 6.46
N THR C 153 -18.19 -26.49 6.48
CA THR C 153 -19.15 -25.43 6.81
C THR C 153 -20.11 -25.90 7.88
N GLU C 154 -19.58 -26.51 8.93
CA GLU C 154 -20.39 -26.99 10.05
C GLU C 154 -20.85 -25.82 10.92
N ILE C 155 -22.13 -25.82 11.30
CA ILE C 155 -22.64 -24.77 12.17
C ILE C 155 -21.87 -24.81 13.48
N TYR C 156 -21.39 -23.65 13.92
CA TYR C 156 -20.46 -23.55 15.04
C TYR C 156 -21.20 -23.30 16.34
N GLN C 157 -20.91 -24.11 17.36
CA GLN C 157 -21.62 -24.05 18.64
C GLN C 157 -20.89 -23.08 19.56
N ALA C 158 -21.42 -21.87 19.69
CA ALA C 158 -20.81 -20.84 20.52
C ALA C 158 -21.24 -20.90 21.97
N GLY C 159 -22.24 -21.71 22.31
CA GLY C 159 -22.70 -21.82 23.68
C GLY C 159 -22.88 -23.26 24.12
N SER C 160 -23.68 -23.47 25.17
CA SER C 160 -23.85 -24.80 25.74
C SER C 160 -24.85 -25.65 24.98
N THR C 161 -25.72 -25.05 24.18
CA THR C 161 -26.76 -25.83 23.51
C THR C 161 -26.26 -26.35 22.18
N PRO C 162 -26.42 -27.65 21.90
CA PRO C 162 -26.04 -28.17 20.58
C PRO C 162 -26.88 -27.52 19.48
N CYS C 163 -26.30 -27.47 18.28
CA CYS C 163 -26.92 -26.78 17.15
C CYS C 163 -27.63 -27.71 16.18
N ASN C 164 -27.21 -28.97 16.11
CA ASN C 164 -27.81 -29.95 15.19
C ASN C 164 -27.84 -29.42 13.76
N GLY C 165 -26.79 -28.69 13.38
CA GLY C 165 -26.69 -28.23 12.01
C GLY C 165 -27.64 -27.11 11.64
N VAL C 166 -28.22 -26.43 12.63
CA VAL C 166 -29.22 -25.40 12.38
C VAL C 166 -28.68 -24.05 12.86
N GLU C 167 -28.80 -23.04 12.01
CA GLU C 167 -28.37 -21.70 12.37
C GLU C 167 -29.36 -21.08 13.34
N GLY C 168 -28.83 -20.38 14.34
CA GLY C 168 -29.65 -19.72 15.33
C GLY C 168 -28.76 -19.05 16.36
N PHE C 169 -29.37 -18.57 17.44
CA PHE C 169 -28.60 -17.92 18.48
C PHE C 169 -27.53 -18.85 19.02
N ASN C 170 -26.30 -18.35 19.13
CA ASN C 170 -25.12 -19.12 19.55
C ASN C 170 -24.84 -20.31 18.62
N CYS C 171 -25.40 -20.30 17.41
CA CYS C 171 -25.27 -21.41 16.47
C CYS C 171 -25.01 -20.79 15.09
N TYR C 172 -23.74 -20.59 14.76
CA TYR C 172 -23.35 -19.67 13.69
C TYR C 172 -22.66 -20.36 12.52
N PHE C 173 -22.99 -19.88 11.32
CA PHE C 173 -22.21 -20.22 10.15
C PHE C 173 -20.77 -19.76 10.39
N PRO C 174 -19.76 -20.55 10.02
CA PRO C 174 -18.38 -20.25 10.42
C PRO C 174 -17.57 -19.41 9.44
N LEU C 175 -18.14 -18.95 8.34
CA LEU C 175 -17.40 -18.13 7.39
C LEU C 175 -17.98 -16.72 7.30
N GLN C 176 -17.10 -15.76 7.04
CA GLN C 176 -17.40 -14.33 6.99
C GLN C 176 -16.80 -13.77 5.70
N SER C 177 -17.57 -13.00 4.95
CA SER C 177 -17.02 -12.38 3.75
C SER C 177 -16.20 -11.15 4.14
N TYR C 178 -15.09 -10.95 3.46
CA TYR C 178 -14.48 -9.64 3.50
C TYR C 178 -15.38 -8.67 2.74
N GLY C 179 -15.37 -7.41 3.16
CA GLY C 179 -16.13 -6.45 2.40
C GLY C 179 -15.18 -5.49 1.75
N PHE C 180 -14.68 -5.83 0.56
CA PHE C 180 -13.63 -5.06 -0.06
C PHE C 180 -14.27 -3.94 -0.87
N GLN C 181 -14.10 -2.71 -0.41
CA GLN C 181 -14.49 -1.48 -1.08
C GLN C 181 -13.25 -0.65 -1.37
N PRO C 182 -13.12 -0.07 -2.56
CA PRO C 182 -11.84 0.58 -2.92
C PRO C 182 -11.50 1.78 -2.05
N THR C 183 -12.46 2.37 -1.34
CA THR C 183 -12.21 3.55 -0.52
C THR C 183 -11.84 3.21 0.92
N ASN C 184 -11.79 1.92 1.27
CA ASN C 184 -11.37 1.53 2.60
C ASN C 184 -9.92 1.93 2.84
N GLY C 185 -9.56 2.05 4.11
CA GLY C 185 -8.17 2.21 4.47
C GLY C 185 -7.35 1.01 4.01
N VAL C 186 -6.05 1.28 3.81
CA VAL C 186 -5.15 0.29 3.22
C VAL C 186 -5.11 -0.98 4.06
N GLY C 187 -5.24 -0.87 5.38
CA GLY C 187 -5.29 -2.05 6.23
C GLY C 187 -6.50 -2.94 5.98
N TYR C 188 -7.56 -2.39 5.40
CA TYR C 188 -8.78 -3.14 5.10
C TYR C 188 -8.89 -3.50 3.64
N GLN C 189 -7.96 -3.07 2.81
CA GLN C 189 -7.98 -3.39 1.39
C GLN C 189 -7.48 -4.82 1.15
N PRO C 190 -7.83 -5.41 0.01
CA PRO C 190 -7.39 -6.78 -0.26
C PRO C 190 -5.94 -6.86 -0.68
N TYR C 191 -5.27 -7.89 -0.21
CA TYR C 191 -3.90 -8.22 -0.62
C TYR C 191 -3.89 -9.63 -1.15
N ARG C 192 -3.22 -9.82 -2.28
CA ARG C 192 -2.97 -11.15 -2.82
C ARG C 192 -1.65 -11.67 -2.26
N VAL C 193 -1.67 -12.93 -1.83
CA VAL C 193 -0.54 -13.54 -1.13
C VAL C 193 -0.14 -14.79 -1.88
N VAL C 194 1.15 -14.98 -2.09
CA VAL C 194 1.68 -16.22 -2.62
C VAL C 194 2.75 -16.72 -1.65
N VAL C 195 2.59 -17.94 -1.17
CA VAL C 195 3.55 -18.59 -0.30
C VAL C 195 4.24 -19.67 -1.11
N LEU C 196 5.56 -19.58 -1.24
CA LEU C 196 6.35 -20.58 -1.96
C LEU C 196 7.11 -21.40 -0.91
N SER C 197 6.76 -22.67 -0.78
CA SER C 197 7.38 -23.53 0.22
C SER C 197 8.06 -24.72 -0.45
N PHE C 198 9.12 -25.21 0.19
CA PHE C 198 9.89 -26.33 -0.32
C PHE C 198 9.47 -27.59 0.41
N GLU C 199 9.11 -28.62 -0.36
CA GLU C 199 8.53 -29.85 0.15
C GLU C 199 9.53 -30.67 0.98
N VAL D 2 -18.09 -21.70 -1.61
CA VAL D 2 -19.26 -21.16 -0.92
C VAL D 2 -19.63 -19.81 -1.51
N GLN D 3 -20.84 -19.67 -2.04
CA GLN D 3 -21.19 -18.41 -2.67
C GLN D 3 -22.69 -18.32 -2.88
N LEU D 4 -23.15 -17.08 -3.03
CA LEU D 4 -24.53 -16.75 -3.35
C LEU D 4 -24.55 -15.99 -4.67
N GLN D 5 -25.48 -16.34 -5.55
CA GLN D 5 -25.56 -15.73 -6.88
C GLN D 5 -27.00 -15.35 -7.17
N GLU D 6 -27.27 -14.05 -7.24
CA GLU D 6 -28.62 -13.56 -7.46
C GLU D 6 -28.95 -13.43 -8.94
N SER D 7 -30.20 -13.72 -9.27
CA SER D 7 -30.71 -13.52 -10.62
C SER D 7 -32.17 -13.12 -10.51
N GLY D 8 -32.76 -12.75 -11.65
CA GLY D 8 -34.17 -12.41 -11.74
C GLY D 8 -34.47 -10.93 -11.93
N GLY D 9 -33.47 -10.05 -11.77
CA GLY D 9 -33.70 -8.62 -11.92
C GLY D 9 -33.81 -8.18 -13.38
N GLY D 10 -34.01 -6.89 -13.55
CA GLY D 10 -34.14 -6.29 -14.87
C GLY D 10 -35.07 -5.08 -14.80
N SER D 11 -35.79 -4.85 -15.89
CA SER D 11 -36.73 -3.76 -16.00
C SER D 11 -38.15 -4.29 -15.87
N VAL D 12 -39.00 -3.48 -15.26
CA VAL D 12 -40.39 -3.86 -15.07
C VAL D 12 -41.21 -2.58 -15.00
N GLN D 13 -42.43 -2.65 -15.53
CA GLN D 13 -43.34 -1.53 -15.47
C GLN D 13 -43.99 -1.46 -14.09
N ALA D 14 -44.23 -0.23 -13.62
CA ALA D 14 -44.90 -0.03 -12.34
C ALA D 14 -46.21 -0.80 -12.29
N GLY D 15 -46.47 -1.44 -11.15
CA GLY D 15 -47.58 -2.34 -10.99
C GLY D 15 -47.28 -3.78 -11.33
N GLY D 16 -46.17 -4.04 -12.03
CA GLY D 16 -45.83 -5.38 -12.43
C GLY D 16 -45.16 -6.17 -11.31
N SER D 17 -44.64 -7.34 -11.69
CA SER D 17 -44.10 -8.31 -10.77
C SER D 17 -42.77 -8.84 -11.28
N LEU D 18 -41.89 -9.18 -10.34
CA LEU D 18 -40.64 -9.87 -10.62
C LEU D 18 -40.41 -10.89 -9.53
N ARG D 19 -39.64 -11.92 -9.85
CA ARG D 19 -39.25 -12.91 -8.87
C ARG D 19 -37.74 -13.03 -8.89
N LEU D 20 -37.10 -12.66 -7.79
CA LEU D 20 -35.67 -12.81 -7.64
C LEU D 20 -35.35 -14.17 -7.03
N SER D 21 -34.17 -14.69 -7.38
CA SER D 21 -33.73 -15.96 -6.85
C SER D 21 -32.24 -15.84 -6.53
N CYS D 22 -31.82 -16.42 -5.41
CA CYS D 22 -30.41 -16.42 -5.04
C CYS D 22 -29.95 -17.86 -4.89
N ALA D 23 -29.19 -18.34 -5.87
CA ALA D 23 -28.70 -19.72 -5.87
C ALA D 23 -27.52 -19.83 -4.93
N ALA D 24 -27.55 -20.83 -4.05
CA ALA D 24 -26.52 -21.03 -3.04
C ALA D 24 -25.65 -22.23 -3.41
N SER D 25 -24.33 -22.05 -3.36
CA SER D 25 -23.39 -23.14 -3.56
C SER D 25 -22.65 -23.40 -2.26
N GLY D 26 -22.56 -24.67 -1.88
CA GLY D 26 -21.84 -25.01 -0.67
C GLY D 26 -22.47 -24.48 0.60
N TYR D 27 -23.75 -24.09 0.53
CA TYR D 27 -24.47 -23.50 1.65
C TYR D 27 -25.89 -24.05 1.60
N THR D 28 -26.37 -24.61 2.71
CA THR D 28 -27.67 -25.26 2.75
C THR D 28 -28.74 -24.25 3.18
N VAL D 29 -29.68 -23.98 2.29
CA VAL D 29 -30.64 -22.91 2.54
C VAL D 29 -31.63 -23.30 3.63
N SER D 30 -32.02 -24.58 3.70
CA SER D 30 -33.12 -25.02 4.57
C SER D 30 -32.90 -24.61 6.03
N VAL D 31 -31.71 -24.88 6.55
CA VAL D 31 -31.42 -24.66 7.96
C VAL D 31 -30.74 -23.31 8.20
N GLY D 32 -30.80 -22.41 7.23
CA GLY D 32 -30.07 -21.16 7.32
C GLY D 32 -30.95 -19.97 7.67
N CYS D 33 -30.29 -18.93 8.18
CA CYS D 33 -30.87 -17.60 8.30
C CYS D 33 -30.44 -16.79 7.08
N MET D 34 -31.40 -16.25 6.33
CA MET D 34 -31.12 -15.60 5.06
C MET D 34 -32.01 -14.39 4.90
N ALA D 35 -31.55 -13.43 4.09
CA ALA D 35 -32.32 -12.21 3.91
C ALA D 35 -32.01 -11.56 2.57
N TRP D 36 -32.96 -10.75 2.12
CA TRP D 36 -32.79 -9.89 0.96
C TRP D 36 -32.67 -8.45 1.46
N PHE D 37 -31.67 -7.74 0.95
CA PHE D 37 -31.48 -6.31 1.19
C PHE D 37 -31.55 -5.59 -0.15
N ARG D 38 -31.67 -4.27 -0.10
CA ARG D 38 -31.63 -3.48 -1.32
C ARG D 38 -30.97 -2.14 -1.04
N GLN D 39 -30.37 -1.55 -2.08
CA GLN D 39 -29.74 -0.25 -1.96
C GLN D 39 -30.04 0.55 -3.23
N ALA D 40 -30.81 1.63 -3.08
CA ALA D 40 -31.14 2.65 -4.06
C ALA D 40 -30.08 3.74 -4.09
N PRO D 41 -29.97 4.50 -5.18
CA PRO D 41 -28.89 5.49 -5.28
C PRO D 41 -29.00 6.57 -4.21
N GLY D 42 -27.86 6.94 -3.64
CA GLY D 42 -27.85 7.90 -2.56
C GLY D 42 -28.50 7.42 -1.29
N LYS D 43 -28.67 6.11 -1.14
CA LYS D 43 -29.41 5.55 -0.04
C LYS D 43 -28.61 4.50 0.72
N GLU D 44 -29.09 4.27 1.93
CA GLU D 44 -28.63 3.25 2.83
C GLU D 44 -29.20 1.91 2.41
N ARG D 45 -28.45 0.83 2.63
CA ARG D 45 -29.18 -0.41 2.74
C ARG D 45 -30.37 -0.39 3.66
N GLU D 46 -31.37 -1.08 3.17
CA GLU D 46 -32.61 -1.33 3.84
C GLU D 46 -32.78 -2.84 3.77
N GLY D 47 -33.09 -3.47 4.89
CA GLY D 47 -33.43 -4.88 4.87
C GLY D 47 -34.86 -4.95 4.37
N VAL D 48 -35.11 -5.83 3.40
CA VAL D 48 -36.47 -5.94 2.86
C VAL D 48 -37.19 -7.18 3.37
N ALA D 49 -36.51 -8.31 3.47
CA ALA D 49 -37.18 -9.54 3.85
C ALA D 49 -36.17 -10.53 4.41
N GLY D 50 -36.57 -11.22 5.48
CA GLY D 50 -35.72 -12.20 6.10
C GLY D 50 -36.49 -13.44 6.46
N ILE D 51 -35.77 -14.54 6.57
CA ILE D 51 -36.37 -15.81 6.96
C ILE D 51 -35.36 -16.55 7.84
N ASP D 52 -35.85 -17.22 8.88
CA ASP D 52 -34.98 -17.98 9.75
C ASP D 52 -35.14 -19.48 9.47
N ALA D 53 -34.37 -20.28 10.21
CA ALA D 53 -34.43 -21.72 10.05
C ALA D 53 -35.83 -22.24 10.36
N SER D 54 -36.54 -21.58 11.26
CA SER D 54 -37.89 -21.99 11.67
C SER D 54 -38.96 -21.65 10.66
N GLY D 55 -38.61 -20.97 9.57
CA GLY D 55 -39.60 -20.58 8.60
C GLY D 55 -40.35 -19.30 8.92
N ILE D 56 -39.96 -18.61 9.99
CA ILE D 56 -40.56 -17.33 10.35
C ILE D 56 -39.98 -16.26 9.43
N THR D 57 -40.85 -15.45 8.85
CA THR D 57 -40.44 -14.39 7.94
C THR D 57 -40.64 -13.03 8.58
N LYS D 58 -39.84 -12.07 8.14
CA LYS D 58 -39.96 -10.68 8.55
C LYS D 58 -39.81 -9.79 7.31
N TYR D 59 -40.63 -8.75 7.23
CA TYR D 59 -40.60 -7.82 6.10
C TYR D 59 -40.48 -6.38 6.61
N SER D 60 -39.79 -5.55 5.84
CA SER D 60 -39.83 -4.12 6.11
C SER D 60 -41.22 -3.57 5.79
N ASP D 61 -41.56 -2.46 6.44
CA ASP D 61 -42.87 -1.84 6.24
C ASP D 61 -43.09 -1.44 4.78
N SER D 62 -42.02 -1.04 4.08
CA SER D 62 -42.17 -0.57 2.71
C SER D 62 -42.61 -1.66 1.73
N VAL D 63 -42.41 -2.94 2.05
CA VAL D 63 -42.75 -4.03 1.14
C VAL D 63 -43.79 -4.97 1.71
N LYS D 64 -44.24 -4.77 2.94
CA LYS D 64 -45.20 -5.66 3.56
C LYS D 64 -46.46 -5.74 2.70
N GLY D 65 -47.00 -6.94 2.58
CA GLY D 65 -48.17 -7.17 1.74
C GLY D 65 -47.89 -7.38 0.26
N ARG D 66 -46.68 -7.04 -0.22
CA ARG D 66 -46.33 -7.14 -1.63
C ARG D 66 -45.21 -8.12 -1.93
N PHE D 67 -44.27 -8.31 -1.00
CA PHE D 67 -43.13 -9.19 -1.21
C PHE D 67 -43.31 -10.48 -0.42
N THR D 68 -42.80 -11.57 -0.96
CA THR D 68 -42.81 -12.86 -0.25
C THR D 68 -41.45 -13.51 -0.40
N ILE D 69 -40.83 -13.85 0.73
CA ILE D 69 -39.56 -14.56 0.76
C ILE D 69 -39.87 -16.02 1.05
N SER D 70 -39.19 -16.93 0.34
CA SER D 70 -39.42 -18.35 0.52
C SER D 70 -38.15 -19.09 0.16
N LYS D 71 -38.00 -20.28 0.73
CA LYS D 71 -36.86 -21.13 0.43
C LYS D 71 -37.24 -22.18 -0.61
N ASP D 72 -36.39 -22.33 -1.64
CA ASP D 72 -36.56 -23.35 -2.69
C ASP D 72 -35.54 -24.44 -2.40
N ASN D 73 -36.00 -25.53 -1.82
CA ASN D 73 -35.08 -26.59 -1.44
C ASN D 73 -34.81 -27.59 -2.55
N ALA D 74 -35.54 -27.49 -3.66
CA ALA D 74 -35.20 -28.27 -4.84
C ALA D 74 -33.97 -27.70 -5.53
N LYS D 75 -33.95 -26.38 -5.74
CA LYS D 75 -32.79 -25.73 -6.34
C LYS D 75 -31.78 -25.25 -5.31
N ASN D 76 -32.09 -25.34 -4.01
CA ASN D 76 -31.26 -24.76 -2.95
C ASN D 76 -31.04 -23.27 -3.20
N ALA D 77 -32.14 -22.53 -3.18
CA ALA D 77 -32.12 -21.10 -3.50
C ALA D 77 -33.09 -20.37 -2.59
N LEU D 78 -32.87 -19.07 -2.44
CA LEU D 78 -33.78 -18.18 -1.72
C LEU D 78 -34.50 -17.30 -2.73
N ASP D 79 -35.84 -17.33 -2.71
CA ASP D 79 -36.64 -16.61 -3.68
C ASP D 79 -37.30 -15.40 -3.02
N LEU D 80 -37.51 -14.36 -3.84
CA LEU D 80 -38.22 -13.16 -3.40
C LEU D 80 -39.23 -12.80 -4.48
N GLN D 81 -40.51 -13.07 -4.21
CA GLN D 81 -41.58 -12.67 -5.12
C GLN D 81 -41.96 -11.23 -4.83
N MET D 82 -41.89 -10.37 -5.85
CA MET D 82 -42.14 -8.94 -5.68
C MET D 82 -43.32 -8.53 -6.55
N ASN D 83 -44.44 -8.20 -5.91
CA ASN D 83 -45.66 -7.79 -6.58
C ASN D 83 -45.94 -6.30 -6.36
N GLY D 84 -46.76 -5.75 -7.24
CA GLY D 84 -47.16 -4.35 -7.14
C GLY D 84 -45.98 -3.41 -7.11
N LEU D 85 -45.01 -3.64 -8.00
CA LEU D 85 -43.75 -2.93 -7.92
C LEU D 85 -43.97 -1.44 -8.19
N LYS D 86 -43.20 -0.61 -7.48
CA LYS D 86 -43.33 0.83 -7.52
C LYS D 86 -41.99 1.41 -7.87
N PRO D 87 -41.95 2.61 -8.45
CA PRO D 87 -40.66 3.26 -8.72
C PRO D 87 -39.75 3.34 -7.50
N GLU D 88 -40.31 3.42 -6.28
CA GLU D 88 -39.45 3.50 -5.11
C GLU D 88 -38.77 2.16 -4.82
N ASP D 89 -39.17 1.09 -5.50
CA ASP D 89 -38.53 -0.20 -5.34
C ASP D 89 -37.29 -0.35 -6.19
N THR D 90 -37.00 0.63 -7.05
CA THR D 90 -35.81 0.57 -7.88
C THR D 90 -34.58 0.54 -6.98
N ALA D 91 -33.71 -0.45 -7.20
CA ALA D 91 -32.54 -0.64 -6.35
C ALA D 91 -31.73 -1.83 -6.85
N MET D 92 -30.51 -1.92 -6.32
CA MET D 92 -29.71 -3.14 -6.37
C MET D 92 -30.18 -4.04 -5.23
N TYR D 93 -30.63 -5.24 -5.55
CA TYR D 93 -31.12 -6.18 -4.54
C TYR D 93 -30.01 -7.18 -4.26
N HIS D 94 -29.82 -7.47 -2.97
CA HIS D 94 -28.58 -8.11 -2.55
C HIS D 94 -29.02 -9.22 -1.61
N CYS D 95 -28.54 -10.44 -1.80
CA CYS D 95 -28.90 -11.53 -0.90
C CYS D 95 -27.76 -11.85 0.05
N ALA D 96 -28.11 -12.24 1.29
CA ALA D 96 -27.12 -12.58 2.31
C ALA D 96 -27.61 -13.76 3.12
N ALA D 97 -26.67 -14.48 3.74
CA ALA D 97 -27.00 -15.72 4.44
C ALA D 97 -25.90 -16.07 5.44
N GLY D 98 -26.27 -16.92 6.40
CA GLY D 98 -25.32 -17.47 7.35
C GLY D 98 -25.13 -16.61 8.58
N LEU D 99 -25.92 -16.87 9.60
CA LEU D 99 -25.85 -16.06 10.81
C LEU D 99 -24.49 -16.22 11.48
N VAL D 100 -23.80 -15.11 11.73
CA VAL D 100 -22.52 -15.13 12.39
C VAL D 100 -22.54 -14.40 13.73
N ARG D 101 -23.66 -13.75 14.08
CA ARG D 101 -23.74 -12.98 15.31
C ARG D 101 -25.21 -12.79 15.67
N GLY D 102 -25.50 -12.74 16.97
CA GLY D 102 -26.84 -12.40 17.41
C GLY D 102 -27.88 -13.46 17.10
N SER D 103 -29.09 -13.00 16.74
CA SER D 103 -30.20 -13.86 16.39
C SER D 103 -30.73 -13.47 15.01
N CYS D 104 -31.35 -14.43 14.32
CA CYS D 104 -31.88 -14.19 12.98
C CYS D 104 -32.99 -13.15 12.98
N THR D 105 -33.66 -12.98 14.11
CA THR D 105 -34.83 -12.10 14.12
C THR D 105 -34.44 -10.65 13.94
N ASP D 106 -33.14 -10.35 14.03
CA ASP D 106 -32.62 -9.00 13.99
C ASP D 106 -31.80 -8.69 12.74
N VAL D 107 -31.73 -9.60 11.77
CA VAL D 107 -30.74 -9.40 10.70
C VAL D 107 -31.11 -8.26 9.77
N LEU D 108 -32.41 -7.96 9.62
CA LEU D 108 -32.80 -6.90 8.70
C LEU D 108 -32.23 -5.56 9.12
N ASP D 109 -32.02 -5.39 10.43
CA ASP D 109 -31.42 -4.19 10.97
C ASP D 109 -29.92 -4.32 11.20
N HIS D 110 -29.35 -5.51 10.99
CA HIS D 110 -27.91 -5.72 11.20
C HIS D 110 -27.39 -6.59 10.06
N PRO D 111 -27.13 -5.98 8.90
CA PRO D 111 -26.60 -6.77 7.78
C PRO D 111 -25.29 -7.47 8.10
N SER D 112 -24.47 -6.88 8.99
CA SER D 112 -23.19 -7.49 9.34
C SER D 112 -23.35 -8.78 10.13
N TYR D 113 -24.56 -9.11 10.59
CA TYR D 113 -24.79 -10.38 11.26
C TYR D 113 -24.91 -11.56 10.31
N LEU D 114 -24.91 -11.33 9.00
CA LEU D 114 -24.90 -12.40 8.01
C LEU D 114 -23.55 -12.43 7.31
N GLY D 115 -22.91 -13.59 7.30
CA GLY D 115 -21.55 -13.70 6.83
C GLY D 115 -21.32 -13.70 5.33
N VAL D 116 -22.20 -14.32 4.55
CA VAL D 116 -21.99 -14.54 3.12
C VAL D 116 -22.94 -13.64 2.35
N TRP D 117 -22.41 -12.96 1.34
CA TRP D 117 -23.16 -11.98 0.56
C TRP D 117 -22.98 -12.26 -0.93
N GLY D 118 -24.03 -12.04 -1.71
CA GLY D 118 -23.96 -12.22 -3.15
C GLY D 118 -23.38 -10.99 -3.82
N GLN D 119 -23.59 -10.89 -5.13
CA GLN D 119 -23.12 -9.74 -5.88
C GLN D 119 -24.22 -8.74 -6.21
N GLY D 120 -25.48 -9.10 -6.03
CA GLY D 120 -26.53 -8.14 -6.31
C GLY D 120 -27.15 -8.33 -7.68
N THR D 121 -28.41 -7.94 -7.80
CA THR D 121 -29.12 -7.95 -9.07
C THR D 121 -29.98 -6.69 -9.12
N GLN D 122 -29.90 -5.98 -10.24
CA GLN D 122 -30.55 -4.67 -10.37
C GLN D 122 -32.03 -4.83 -10.71
N VAL D 123 -32.87 -4.08 -10.01
CA VAL D 123 -34.31 -4.00 -10.28
C VAL D 123 -34.61 -2.54 -10.60
N THR D 124 -35.19 -2.28 -11.77
CA THR D 124 -35.54 -0.93 -12.17
C THR D 124 -37.00 -0.90 -12.58
N VAL D 125 -37.80 -0.16 -11.82
CA VAL D 125 -39.24 -0.04 -12.04
C VAL D 125 -39.51 1.28 -12.75
N SER D 126 -40.08 1.20 -13.95
CA SER D 126 -40.29 2.40 -14.76
C SER D 126 -41.73 2.90 -14.61
N SER D 127 -41.89 4.22 -14.68
CA SER D 127 -43.17 4.87 -14.41
C SER D 127 -44.20 4.68 -15.52
ZN ZN E . 6.23 23.69 -0.74
ZN ZN F . 21.64 36.76 5.16
ZN ZN G . 9.31 26.35 -19.11
ZN ZN H . -25.73 -4.62 -1.21
ZN ZN I . -37.47 -21.14 -6.71
#